data_2Y0I
#
_entry.id   2Y0I
#
_cell.length_a   86.490
_cell.length_b   86.490
_cell.length_c   146.710
_cell.angle_alpha   90.00
_cell.angle_beta   90.00
_cell.angle_gamma   90.00
#
_symmetry.space_group_name_H-M   'P 41 21 2'
#
loop_
_entity.id
_entity.type
_entity.pdbx_description
1 polymer 'HYPOXIA-INDUCIBLE FACTOR 1-ALPHA INHIBITOR'
2 polymer TANKYRASE-2
3 non-polymer 'FE (II) ION'
4 non-polymer '2-OXOGLUTARIC ACID'
5 non-polymer 'SULFATE ION'
6 non-polymer GLYCEROL
7 water water
#
loop_
_entity_poly.entity_id
_entity_poly.type
_entity_poly.pdbx_seq_one_letter_code
_entity_poly.pdbx_strand_id
1 'polypeptide(L)'
;GSHMAATAAEAVASGSGEPREEAGALGPAWDESQLRSYSFPTRPIPRLSQSDPRAEELIENEEPVVLTDTNLVYPALKWD
LEYLQENIGNGDFSVYSASTHKFLYYDEKKMANFQNFKPRSNREEMKFHEFVEKLQDIQQRGGEERLYLQQTLNDTVGRK
IVMDFLGFNWNWINKQQGKRGWGQLTSNLLLIGMEGNVTPAHYDEQQNFFAQIKGYKRCILFPPDQFECLYPYPVHHPCD
RQSQVDFDNPDYERFPNFQNVVGYETVVGPGDVLYIPMYWWHHIESLLNGGITITVNFWYKGAPTPKRIEYPLKAHQKVA
IMRNIEKMLGEALGNPQEVGPLLNTMIKGRYN
;
A
2 'polypeptide(L)' RVSVVEYLLQHGADVHAKDKG S
#
loop_
_chem_comp.id
_chem_comp.type
_chem_comp.name
_chem_comp.formula
AKG non-polymer '2-OXOGLUTARIC ACID' 'C5 H6 O5'
FE2 non-polymer 'FE (II) ION' 'Fe 2'
GOL non-polymer GLYCEROL 'C3 H8 O3'
SO4 non-polymer 'SULFATE ION' 'O4 S -2'
#
# COMPACT_ATOMS: atom_id res chain seq x y z
N SER A 14 5.05 -18.55 -11.08
CA SER A 14 4.52 -19.31 -9.91
C SER A 14 4.96 -18.74 -8.57
N GLY A 15 4.11 -17.85 -8.03
CA GLY A 15 4.33 -17.20 -6.75
C GLY A 15 5.57 -16.37 -6.47
N SER A 16 5.97 -16.39 -5.19
CA SER A 16 7.14 -15.66 -4.69
C SER A 16 8.39 -16.55 -4.73
N GLY A 17 8.32 -17.62 -5.51
CA GLY A 17 9.46 -18.50 -5.67
C GLY A 17 9.92 -19.26 -4.44
N GLU A 18 10.98 -20.05 -4.63
CA GLU A 18 11.55 -20.87 -3.58
C GLU A 18 11.98 -19.98 -2.42
N PRO A 19 11.39 -20.17 -1.23
CA PRO A 19 11.72 -19.37 -0.05
C PRO A 19 13.24 -19.15 0.10
N ARG A 20 13.64 -17.91 0.34
CA ARG A 20 15.06 -17.60 0.50
C ARG A 20 15.63 -18.16 1.80
N GLU A 21 16.90 -18.53 1.75
CA GLU A 21 17.61 -19.09 2.90
C GLU A 21 18.36 -18.03 3.70
N GLU A 22 18.01 -17.91 4.98
CA GLU A 22 18.68 -16.96 5.85
C GLU A 22 20.14 -17.35 6.06
N ALA A 23 21.04 -16.39 5.82
CA ALA A 23 22.47 -16.62 5.99
C ALA A 23 22.79 -17.23 7.36
N GLY A 24 23.79 -18.10 7.40
CA GLY A 24 24.17 -18.75 8.65
C GLY A 24 23.48 -20.09 8.85
N ALA A 25 22.87 -20.61 7.79
CA ALA A 25 22.17 -21.90 7.84
C ALA A 25 20.99 -21.90 8.80
N LEU A 26 20.32 -20.75 8.94
CA LEU A 26 19.18 -20.65 9.83
C LEU A 26 17.89 -21.13 9.15
N GLY A 27 18.06 -21.89 8.08
CA GLY A 27 16.93 -22.44 7.36
C GLY A 27 16.14 -21.49 6.48
N PRO A 28 15.01 -21.97 5.94
CA PRO A 28 14.15 -21.15 5.07
C PRO A 28 13.56 -19.98 5.86
N ALA A 29 13.67 -18.78 5.31
CA ALA A 29 13.15 -17.61 5.98
C ALA A 29 11.66 -17.77 6.33
N TRP A 30 10.92 -18.48 5.48
CA TRP A 30 9.50 -18.72 5.68
C TRP A 30 9.07 -19.86 4.77
N ASP A 31 7.84 -20.35 4.94
CA ASP A 31 7.36 -21.45 4.12
C ASP A 31 5.95 -21.20 3.58
N GLU A 32 5.62 -21.90 2.49
CA GLU A 32 4.32 -21.79 1.83
C GLU A 32 3.09 -21.78 2.73
N SER A 33 3.08 -22.63 3.74
CA SER A 33 1.91 -22.70 4.62
C SER A 33 1.64 -21.40 5.35
N GLN A 34 2.50 -20.41 5.15
CA GLN A 34 2.34 -19.12 5.81
C GLN A 34 1.63 -18.13 4.89
N LEU A 35 1.47 -18.52 3.63
CA LEU A 35 0.80 -17.70 2.63
C LEU A 35 -0.68 -18.07 2.55
N ARG A 36 -1.54 -17.07 2.35
CA ARG A 36 -2.97 -17.31 2.20
C ARG A 36 -3.23 -17.81 0.78
N SER A 37 -4.35 -18.48 0.53
CA SER A 37 -4.64 -18.99 -0.81
C SER A 37 -5.63 -18.14 -1.58
N TYR A 38 -5.31 -17.85 -2.83
CA TYR A 38 -6.17 -17.03 -3.66
C TYR A 38 -6.51 -17.71 -4.98
N SER A 39 -7.52 -17.18 -5.66
CA SER A 39 -8.01 -17.73 -6.92
C SER A 39 -7.25 -17.33 -8.16
N PHE A 40 -6.27 -16.45 -8.03
CA PHE A 40 -5.56 -15.98 -9.20
C PHE A 40 -4.10 -16.37 -9.27
N PRO A 41 -3.53 -16.35 -10.48
CA PRO A 41 -2.12 -16.69 -10.73
C PRO A 41 -1.23 -15.46 -10.52
N THR A 42 0.05 -15.68 -10.26
CA THR A 42 1.00 -14.59 -10.04
C THR A 42 2.38 -14.96 -10.56
N ARG A 43 3.09 -13.96 -11.06
CA ARG A 43 4.45 -14.13 -11.56
C ARG A 43 5.33 -13.39 -10.53
N PRO A 44 6.60 -13.77 -10.40
CA PRO A 44 7.48 -13.11 -9.41
C PRO A 44 7.99 -11.74 -9.81
N ILE A 45 8.07 -10.85 -8.82
CA ILE A 45 8.61 -9.52 -9.04
C ILE A 45 10.12 -9.77 -8.98
N PRO A 46 10.90 -9.09 -9.82
CA PRO A 46 12.35 -9.32 -9.79
C PRO A 46 13.00 -8.86 -8.48
N ARG A 47 14.02 -9.61 -8.01
CA ARG A 47 14.79 -9.27 -6.80
C ARG A 47 16.18 -8.94 -7.36
N LEU A 48 16.58 -7.69 -7.24
CA LEU A 48 17.86 -7.31 -7.81
C LEU A 48 18.67 -6.44 -6.88
N SER A 49 19.87 -6.11 -7.36
CA SER A 49 20.77 -5.26 -6.61
C SER A 49 20.53 -3.84 -7.10
N GLN A 50 20.68 -2.88 -6.19
CA GLN A 50 20.47 -1.49 -6.54
C GLN A 50 21.48 -1.06 -7.59
N SER A 51 22.55 -1.84 -7.74
CA SER A 51 23.59 -1.53 -8.73
C SER A 51 23.24 -2.13 -10.09
N ASP A 52 22.35 -3.12 -10.07
CA ASP A 52 21.92 -3.76 -11.30
C ASP A 52 21.14 -2.78 -12.18
N PRO A 53 21.67 -2.47 -13.37
CA PRO A 53 21.00 -1.56 -14.31
C PRO A 53 19.60 -2.01 -14.72
N ARG A 54 19.30 -3.29 -14.53
CA ARG A 54 17.98 -3.81 -14.84
C ARG A 54 16.99 -3.25 -13.82
N ALA A 55 17.48 -3.02 -12.60
CA ALA A 55 16.64 -2.48 -11.53
C ALA A 55 16.36 -1.00 -11.80
N GLU A 56 17.36 -0.30 -12.32
CA GLU A 56 17.18 1.11 -12.62
C GLU A 56 16.24 1.22 -13.83
N GLU A 57 16.25 0.18 -14.64
CA GLU A 57 15.41 0.13 -15.84
C GLU A 57 13.95 -0.05 -15.46
N LEU A 58 13.70 -0.91 -14.48
CA LEU A 58 12.35 -1.18 -14.04
C LEU A 58 11.71 0.02 -13.38
N ILE A 59 12.45 0.68 -12.49
CA ILE A 59 11.94 1.85 -11.78
C ILE A 59 11.64 2.98 -12.73
N GLU A 60 12.57 3.24 -13.64
CA GLU A 60 12.41 4.29 -14.64
C GLU A 60 11.13 4.05 -15.45
N ASN A 61 10.79 2.77 -15.66
CA ASN A 61 9.61 2.40 -16.43
C ASN A 61 8.42 2.08 -15.53
N GLU A 62 8.50 2.53 -14.29
CA GLU A 62 7.46 2.32 -13.29
C GLU A 62 6.88 0.92 -13.23
N GLU A 63 7.76 -0.03 -12.98
CA GLU A 63 7.39 -1.42 -12.86
C GLU A 63 8.01 -1.81 -11.52
N PRO A 64 7.31 -2.64 -10.75
CA PRO A 64 7.86 -3.04 -9.45
C PRO A 64 9.18 -3.79 -9.50
N VAL A 65 9.95 -3.67 -8.42
CA VAL A 65 11.23 -4.37 -8.30
C VAL A 65 11.60 -4.39 -6.84
N VAL A 66 12.14 -5.51 -6.38
CA VAL A 66 12.57 -5.62 -4.99
C VAL A 66 14.09 -5.43 -4.96
N LEU A 67 14.55 -4.40 -4.26
CA LEU A 67 15.97 -4.09 -4.11
C LEU A 67 16.44 -4.73 -2.83
N THR A 68 17.49 -5.54 -2.94
CA THR A 68 18.05 -6.30 -1.82
C THR A 68 19.15 -5.64 -0.99
N ASP A 69 19.90 -4.73 -1.59
CA ASP A 69 21.02 -4.10 -0.91
C ASP A 69 21.08 -2.57 -0.93
N THR A 70 19.98 -1.88 -0.61
CA THR A 70 19.99 -0.42 -0.60
C THR A 70 20.53 0.16 0.74
N ASN A 71 20.25 -0.51 1.85
CA ASN A 71 20.66 -0.02 3.16
C ASN A 71 19.82 1.21 3.49
N LEU A 72 18.68 1.31 2.80
CA LEU A 72 17.75 2.43 2.95
C LEU A 72 17.43 2.69 4.41
N VAL A 73 17.02 1.64 5.12
CA VAL A 73 16.68 1.77 6.54
C VAL A 73 17.57 0.87 7.41
N TYR A 74 18.81 0.72 6.98
CA TYR A 74 19.78 -0.07 7.69
C TYR A 74 19.73 0.12 9.22
N PRO A 75 19.78 1.39 9.71
CA PRO A 75 19.73 1.69 11.14
C PRO A 75 18.47 1.18 11.84
N ALA A 76 17.38 0.97 11.08
CA ALA A 76 16.13 0.49 11.68
C ALA A 76 16.07 -1.02 11.80
N LEU A 77 16.97 -1.73 11.11
CA LEU A 77 16.91 -3.18 11.17
C LEU A 77 17.04 -3.73 12.59
N LYS A 78 17.51 -2.90 13.53
CA LYS A 78 17.64 -3.33 14.92
C LYS A 78 16.33 -3.08 15.70
N TRP A 79 15.42 -2.33 15.10
CA TRP A 79 14.14 -2.00 15.73
C TRP A 79 13.29 -3.20 16.10
N ASP A 80 12.51 -3.02 17.17
CA ASP A 80 11.56 -3.98 17.71
C ASP A 80 10.73 -3.22 18.74
N LEU A 81 9.64 -3.81 19.21
CA LEU A 81 8.76 -3.15 20.17
C LEU A 81 9.47 -2.55 21.38
N GLU A 82 10.32 -3.34 22.03
CA GLU A 82 11.03 -2.86 23.22
C GLU A 82 11.89 -1.63 22.93
N TYR A 83 12.69 -1.69 21.87
CA TYR A 83 13.55 -0.58 21.48
C TYR A 83 12.76 0.68 21.13
N LEU A 84 11.70 0.50 20.34
CA LEU A 84 10.86 1.62 19.93
C LEU A 84 10.08 2.22 21.10
N GLN A 85 9.61 1.37 22.01
CA GLN A 85 8.88 1.83 23.17
C GLN A 85 9.78 2.73 24.01
N GLU A 86 11.03 2.31 24.18
CA GLU A 86 12.01 3.05 24.95
C GLU A 86 12.53 4.31 24.25
N ASN A 87 12.41 4.37 22.93
CA ASN A 87 12.94 5.51 22.18
C ASN A 87 12.01 6.32 21.27
N ILE A 88 10.80 5.85 21.00
CA ILE A 88 9.90 6.56 20.08
C ILE A 88 9.20 7.80 20.63
N GLY A 89 9.22 7.98 21.96
CA GLY A 89 8.57 9.13 22.57
C GLY A 89 7.15 8.83 23.02
N ASN A 90 6.40 9.87 23.38
CA ASN A 90 5.02 9.69 23.82
C ASN A 90 3.99 10.49 23.03
N GLY A 91 4.23 10.62 21.73
CA GLY A 91 3.25 11.33 20.91
C GLY A 91 2.13 10.32 20.72
N ASP A 92 1.08 10.69 19.99
CA ASP A 92 -0.02 9.76 19.76
C ASP A 92 0.21 8.89 18.53
N PHE A 93 -0.17 7.62 18.62
CA PHE A 93 -0.01 6.69 17.52
C PHE A 93 -1.36 6.15 17.05
N SER A 94 -1.64 6.34 15.76
CA SER A 94 -2.88 5.85 15.19
C SER A 94 -2.86 4.33 15.17
N VAL A 95 -3.88 3.72 15.75
CA VAL A 95 -3.97 2.27 15.79
C VAL A 95 -5.37 1.82 15.36
N TYR A 96 -5.41 1.03 14.28
CA TYR A 96 -6.67 0.52 13.77
C TYR A 96 -6.95 -0.85 14.34
N SER A 97 -8.20 -1.08 14.73
CA SER A 97 -8.62 -2.35 15.29
C SER A 97 -9.59 -3.02 14.33
N ALA A 98 -9.70 -4.35 14.42
CA ALA A 98 -10.61 -5.09 13.55
C ALA A 98 -10.89 -6.51 14.03
N SER A 99 -12.06 -7.02 13.69
CA SER A 99 -12.47 -8.38 14.07
C SER A 99 -12.17 -9.37 12.96
N THR A 100 -11.49 -8.90 11.91
CA THR A 100 -11.12 -9.73 10.77
C THR A 100 -9.67 -9.42 10.41
N HIS A 101 -9.04 -10.29 9.65
CA HIS A 101 -7.65 -10.07 9.26
C HIS A 101 -7.53 -8.95 8.23
N LYS A 102 -8.66 -8.52 7.68
CA LYS A 102 -8.67 -7.46 6.68
C LYS A 102 -8.84 -6.06 7.23
N PHE A 103 -7.84 -5.22 6.98
CA PHE A 103 -7.88 -3.82 7.42
C PHE A 103 -8.16 -2.88 6.25
N LEU A 104 -9.43 -2.77 5.91
CA LEU A 104 -9.87 -1.90 4.84
C LEU A 104 -9.69 -0.45 5.29
N TYR A 105 -9.10 0.38 4.43
CA TYR A 105 -8.90 1.79 4.75
C TYR A 105 -10.19 2.59 4.59
N TYR A 106 -10.39 3.59 5.44
CA TYR A 106 -11.57 4.44 5.39
C TYR A 106 -11.19 5.92 5.40
N ASP A 107 -11.70 6.68 4.45
CA ASP A 107 -11.42 8.11 4.43
C ASP A 107 -12.59 8.71 5.22
N GLU A 108 -12.28 9.30 6.37
CA GLU A 108 -13.31 9.84 7.24
C GLU A 108 -13.94 11.13 6.73
N LYS A 109 -13.17 11.91 5.97
CA LYS A 109 -13.69 13.15 5.41
C LYS A 109 -14.79 12.78 4.43
N LYS A 110 -14.74 11.55 3.92
CA LYS A 110 -15.72 11.05 2.96
C LYS A 110 -16.90 10.31 3.59
N MET A 111 -16.79 9.96 4.86
CA MET A 111 -17.86 9.25 5.55
C MET A 111 -19.14 10.06 5.72
N ALA A 112 -19.09 11.35 5.39
CA ALA A 112 -20.26 12.23 5.48
C ALA A 112 -21.19 11.84 4.32
N ASN A 113 -20.64 11.86 3.11
CA ASN A 113 -21.42 11.50 1.93
C ASN A 113 -22.22 10.22 2.24
N PHE A 114 -21.60 9.05 2.05
CA PHE A 114 -22.30 7.80 2.31
C PHE A 114 -22.70 7.70 3.79
N GLN A 115 -23.97 8.02 4.07
CA GLN A 115 -24.50 8.00 5.43
C GLN A 115 -24.69 6.63 6.06
N ASN A 116 -25.44 5.73 5.39
CA ASN A 116 -25.66 4.38 5.92
C ASN A 116 -24.36 3.63 5.70
N PHE A 117 -23.33 4.05 6.44
CA PHE A 117 -22.00 3.46 6.33
C PHE A 117 -21.40 3.23 7.70
N LYS A 118 -20.73 2.09 7.87
CA LYS A 118 -20.14 1.75 9.15
C LYS A 118 -18.89 0.90 8.95
N PRO A 119 -17.73 1.44 9.33
CA PRO A 119 -16.39 0.82 9.23
C PRO A 119 -16.26 -0.60 9.80
N ARG A 120 -15.37 -1.39 9.21
CA ARG A 120 -15.11 -2.75 9.66
C ARG A 120 -13.83 -2.73 10.51
N SER A 121 -13.31 -1.51 10.73
CA SER A 121 -12.12 -1.32 11.54
C SER A 121 -12.15 0.10 12.11
N ASN A 122 -11.91 0.23 13.41
CA ASN A 122 -11.91 1.52 14.08
C ASN A 122 -10.51 2.08 14.37
N ARG A 123 -10.37 3.40 14.28
CA ARG A 123 -9.11 4.07 14.55
C ARG A 123 -9.07 4.49 16.02
N GLU A 124 -7.88 4.51 16.60
CA GLU A 124 -7.73 4.89 18.00
C GLU A 124 -6.32 5.41 18.29
N GLU A 125 -6.25 6.55 18.96
CA GLU A 125 -4.97 7.15 19.32
C GLU A 125 -4.49 6.60 20.65
N MET A 126 -3.17 6.57 20.83
CA MET A 126 -2.56 6.07 22.05
C MET A 126 -1.03 6.21 22.02
N LYS A 127 -0.40 6.05 23.19
CA LYS A 127 1.04 6.14 23.29
C LYS A 127 1.58 4.77 22.89
N PHE A 128 2.83 4.72 22.43
CA PHE A 128 3.42 3.46 22.01
C PHE A 128 3.31 2.36 23.07
N HIS A 129 3.62 2.70 24.31
CA HIS A 129 3.55 1.72 25.39
C HIS A 129 2.13 1.19 25.55
N GLU A 130 1.14 2.04 25.27
CA GLU A 130 -0.25 1.62 25.38
C GLU A 130 -0.56 0.57 24.32
N PHE A 131 0.04 0.75 23.14
CA PHE A 131 -0.13 -0.16 22.02
C PHE A 131 0.49 -1.51 22.35
N VAL A 132 1.71 -1.48 22.88
CA VAL A 132 2.41 -2.71 23.24
C VAL A 132 1.61 -3.46 24.29
N GLU A 133 0.96 -2.71 25.18
CA GLU A 133 0.15 -3.30 26.25
C GLU A 133 -0.97 -4.12 25.63
N LYS A 134 -1.80 -3.47 24.80
CA LYS A 134 -2.91 -4.14 24.16
C LYS A 134 -2.41 -5.30 23.30
N LEU A 135 -1.27 -5.12 22.65
CA LEU A 135 -0.70 -6.19 21.82
C LEU A 135 -0.45 -7.38 22.73
N GLN A 136 0.07 -7.07 23.91
CA GLN A 136 0.40 -8.06 24.92
C GLN A 136 -0.84 -8.64 25.58
N ASP A 137 -1.84 -7.79 25.85
CA ASP A 137 -3.08 -8.24 26.47
C ASP A 137 -3.71 -9.37 25.67
N ILE A 138 -3.80 -9.18 24.35
CA ILE A 138 -4.39 -10.19 23.47
C ILE A 138 -3.54 -11.47 23.48
N GLN A 139 -2.24 -11.30 23.28
CA GLN A 139 -1.33 -12.41 23.28
C GLN A 139 -1.51 -13.37 24.47
N GLN A 140 -1.27 -12.87 25.69
CA GLN A 140 -1.34 -13.72 26.89
C GLN A 140 -2.70 -14.28 27.27
N ARG A 141 -3.76 -13.81 26.63
CA ARG A 141 -5.07 -14.38 26.95
C ARG A 141 -5.46 -15.35 25.82
N GLY A 142 -5.33 -14.89 24.58
CA GLY A 142 -5.68 -15.74 23.44
C GLY A 142 -6.76 -15.15 22.54
N GLY A 143 -7.05 -13.86 22.73
CA GLY A 143 -8.07 -13.17 21.94
C GLY A 143 -7.99 -13.25 20.42
N GLU A 144 -9.05 -12.78 19.77
CA GLU A 144 -9.15 -12.79 18.31
C GLU A 144 -9.06 -11.38 17.71
N GLU A 145 -8.95 -10.37 18.57
CA GLU A 145 -8.85 -8.99 18.10
C GLU A 145 -7.52 -8.77 17.36
N ARG A 146 -7.54 -7.84 16.40
CA ARG A 146 -6.35 -7.54 15.62
C ARG A 146 -6.04 -6.05 15.65
N LEU A 147 -4.75 -5.72 15.70
CA LEU A 147 -4.32 -4.34 15.73
C LEU A 147 -3.28 -4.06 14.66
N TYR A 148 -3.31 -2.85 14.12
CA TYR A 148 -2.36 -2.45 13.09
C TYR A 148 -1.95 -1.02 13.34
N LEU A 149 -0.70 -0.80 13.71
CA LEU A 149 -0.25 0.55 13.96
C LEU A 149 0.22 1.20 12.65
N GLN A 150 -0.42 2.31 12.28
CA GLN A 150 -0.07 3.03 11.08
C GLN A 150 0.04 4.50 11.46
N GLN A 151 1.27 4.92 11.70
CA GLN A 151 1.52 6.28 12.15
C GLN A 151 2.67 6.92 11.40
N THR A 152 2.46 8.17 11.01
CA THR A 152 3.46 8.98 10.31
C THR A 152 4.59 9.36 11.28
N LEU A 153 5.84 9.28 10.81
CA LEU A 153 7.00 9.64 11.63
C LEU A 153 7.11 11.16 11.70
N ASN A 154 7.26 11.72 12.90
CA ASN A 154 7.35 13.17 13.01
C ASN A 154 8.30 13.72 14.08
N ASP A 155 8.14 15.03 14.34
CA ASP A 155 8.94 15.80 15.31
C ASP A 155 9.04 15.28 16.74
N THR A 156 8.05 14.52 17.18
CA THR A 156 8.05 14.07 18.57
C THR A 156 8.72 12.73 18.92
N VAL A 157 9.47 12.15 17.99
CA VAL A 157 10.13 10.88 18.29
C VAL A 157 11.38 11.10 19.13
N GLY A 158 11.77 10.07 19.88
CA GLY A 158 12.96 10.17 20.71
C GLY A 158 14.24 10.52 19.98
N ARG A 159 15.28 10.83 20.77
CA ARG A 159 16.59 11.19 20.21
C ARG A 159 17.21 10.08 19.38
N LYS A 160 17.16 8.85 19.92
CA LYS A 160 17.75 7.71 19.23
C LYS A 160 17.04 7.39 17.91
N ILE A 161 15.71 7.50 17.91
CA ILE A 161 14.93 7.25 16.72
C ILE A 161 15.38 8.24 15.65
N VAL A 162 15.59 9.48 16.06
CA VAL A 162 16.03 10.54 15.15
C VAL A 162 17.40 10.18 14.58
N MET A 163 18.24 9.57 15.42
CA MET A 163 19.59 9.14 15.01
C MET A 163 19.45 8.07 13.93
N ASP A 164 18.58 7.09 14.19
CA ASP A 164 18.35 6.03 13.22
C ASP A 164 17.86 6.65 11.90
N PHE A 165 16.79 7.43 11.98
CA PHE A 165 16.18 8.10 10.83
C PHE A 165 17.22 8.82 9.99
N LEU A 166 18.09 9.56 10.65
CA LEU A 166 19.14 10.29 9.96
C LEU A 166 20.12 9.32 9.27
N GLY A 167 20.20 8.11 9.81
CA GLY A 167 21.09 7.12 9.23
C GLY A 167 20.56 6.46 7.96
N PHE A 168 19.31 6.76 7.61
CA PHE A 168 18.72 6.19 6.41
C PHE A 168 19.59 6.57 5.21
N ASN A 169 19.58 5.74 4.17
CA ASN A 169 20.41 6.02 3.00
C ASN A 169 19.78 7.09 2.10
N TRP A 170 19.77 8.33 2.61
CA TRP A 170 19.19 9.45 1.89
C TRP A 170 19.97 9.74 0.61
N ASN A 171 21.25 9.41 0.60
CA ASN A 171 22.01 9.63 -0.61
C ASN A 171 21.40 8.85 -1.78
N TRP A 172 21.14 7.56 -1.58
CA TRP A 172 20.58 6.73 -2.64
C TRP A 172 19.14 7.11 -3.04
N ILE A 173 18.25 7.22 -2.06
CA ILE A 173 16.88 7.56 -2.34
C ILE A 173 16.73 8.98 -2.92
N ASN A 174 17.44 9.97 -2.38
CA ASN A 174 17.35 11.32 -2.91
C ASN A 174 17.72 11.33 -4.37
N LYS A 175 18.72 10.53 -4.72
CA LYS A 175 19.15 10.45 -6.11
C LYS A 175 18.03 9.80 -6.95
N GLN A 176 17.28 8.89 -6.33
CA GLN A 176 16.17 8.21 -7.02
C GLN A 176 15.07 9.25 -7.27
N GLN A 177 14.83 10.09 -6.26
CA GLN A 177 13.84 11.14 -6.35
C GLN A 177 14.19 12.03 -7.54
N GLY A 178 15.44 12.47 -7.61
CA GLY A 178 15.89 13.32 -8.69
C GLY A 178 15.82 12.68 -10.06
N LYS A 179 16.36 11.48 -10.21
CA LYS A 179 16.35 10.79 -11.50
C LYS A 179 14.96 10.58 -12.10
N ARG A 180 13.96 10.42 -11.24
CA ARG A 180 12.59 10.20 -11.71
C ARG A 180 11.82 11.50 -11.84
N GLY A 181 12.40 12.60 -11.36
CA GLY A 181 11.72 13.88 -11.43
C GLY A 181 10.53 13.95 -10.50
N TRP A 182 10.44 12.99 -9.59
CA TRP A 182 9.34 12.94 -8.62
C TRP A 182 9.23 14.22 -7.82
N GLY A 183 8.08 14.38 -7.18
CA GLY A 183 7.86 15.55 -6.34
C GLY A 183 8.59 15.36 -5.03
N GLN A 184 8.04 15.93 -3.96
CA GLN A 184 8.66 15.86 -2.65
C GLN A 184 8.27 14.62 -1.85
N LEU A 185 9.11 14.27 -0.88
CA LEU A 185 8.81 13.15 0.01
C LEU A 185 7.69 13.71 0.88
N THR A 186 6.53 13.06 0.89
CA THR A 186 5.44 13.58 1.69
C THR A 186 5.36 12.98 3.08
N SER A 187 5.85 11.76 3.23
CA SER A 187 5.79 11.12 4.54
C SER A 187 6.45 9.76 4.60
N ASN A 188 6.62 9.29 5.83
CA ASN A 188 7.16 7.98 6.11
C ASN A 188 6.18 7.34 7.08
N LEU A 189 5.45 6.35 6.60
CA LEU A 189 4.48 5.68 7.45
C LEU A 189 5.12 4.45 8.11
N LEU A 190 5.06 4.42 9.43
CA LEU A 190 5.60 3.31 10.21
C LEU A 190 4.43 2.37 10.38
N LEU A 191 4.62 1.13 9.98
CA LEU A 191 3.56 0.14 10.06
C LEU A 191 3.97 -1.09 10.86
N ILE A 192 3.29 -1.30 11.98
CA ILE A 192 3.57 -2.44 12.82
C ILE A 192 2.28 -3.23 12.91
N GLY A 193 2.30 -4.44 12.38
CA GLY A 193 1.10 -5.26 12.42
C GLY A 193 1.29 -6.65 12.96
N MET A 194 0.18 -7.28 13.32
CA MET A 194 0.20 -8.63 13.83
C MET A 194 0.28 -9.59 12.67
N GLU A 195 0.83 -10.78 12.92
CA GLU A 195 0.93 -11.79 11.89
C GLU A 195 -0.49 -12.06 11.35
N GLY A 196 -0.57 -12.41 10.08
CA GLY A 196 -1.87 -12.69 9.47
C GLY A 196 -2.63 -11.47 9.00
N ASN A 197 -2.22 -10.28 9.43
CA ASN A 197 -2.90 -9.04 9.04
C ASN A 197 -2.83 -8.85 7.54
N VAL A 198 -3.83 -8.16 6.99
CA VAL A 198 -3.88 -7.93 5.55
C VAL A 198 -4.42 -6.55 5.17
N THR A 199 -3.74 -5.89 4.25
CA THR A 199 -4.19 -4.60 3.75
C THR A 199 -4.70 -4.99 2.37
N PRO A 200 -6.05 -4.97 2.18
CA PRO A 200 -6.71 -5.31 0.92
C PRO A 200 -6.19 -4.53 -0.27
N ALA A 201 -6.30 -5.13 -1.45
CA ALA A 201 -5.87 -4.52 -2.69
C ALA A 201 -6.37 -3.10 -2.86
N HIS A 202 -5.47 -2.19 -3.23
CA HIS A 202 -5.81 -0.79 -3.46
C HIS A 202 -4.65 -0.16 -4.19
N TYR A 203 -4.83 1.05 -4.70
CA TYR A 203 -3.70 1.71 -5.36
C TYR A 203 -3.52 3.08 -4.69
N ASP A 204 -2.32 3.64 -4.75
CA ASP A 204 -2.03 4.93 -4.14
C ASP A 204 -1.62 5.92 -5.22
N GLU A 205 -1.89 7.20 -4.98
CA GLU A 205 -1.51 8.24 -5.93
C GLU A 205 -0.15 8.85 -5.59
N GLN A 206 0.79 8.01 -5.18
CA GLN A 206 2.13 8.45 -4.85
C GLN A 206 3.10 7.31 -5.13
N GLN A 207 4.33 7.65 -5.53
CA GLN A 207 5.38 6.67 -5.77
C GLN A 207 5.79 6.16 -4.38
N ASN A 208 6.04 4.87 -4.25
CA ASN A 208 6.38 4.31 -2.93
C ASN A 208 7.63 3.40 -2.85
N PHE A 209 8.47 3.66 -1.87
CA PHE A 209 9.63 2.82 -1.62
C PHE A 209 9.29 2.20 -0.28
N PHE A 210 8.88 0.94 -0.36
CA PHE A 210 8.43 0.12 0.76
C PHE A 210 9.63 -0.57 1.44
N ALA A 211 10.02 -0.06 2.60
CA ALA A 211 11.19 -0.59 3.33
C ALA A 211 10.85 -1.54 4.47
N GLN A 212 11.06 -2.84 4.23
CA GLN A 212 10.77 -3.89 5.21
C GLN A 212 11.84 -3.88 6.30
N ILE A 213 11.41 -4.02 7.54
CA ILE A 213 12.34 -3.97 8.66
C ILE A 213 12.32 -5.19 9.56
N LYS A 214 11.12 -5.65 9.93
CA LYS A 214 11.01 -6.80 10.80
C LYS A 214 9.93 -7.73 10.28
N GLY A 215 10.23 -9.03 10.28
CA GLY A 215 9.25 -9.99 9.79
C GLY A 215 9.16 -10.02 8.27
N TYR A 216 8.20 -10.77 7.76
CA TYR A 216 8.04 -10.88 6.32
C TYR A 216 6.64 -10.51 5.84
N LYS A 217 6.57 -9.91 4.66
CA LYS A 217 5.31 -9.52 4.08
C LYS A 217 5.23 -9.98 2.64
N ARG A 218 4.09 -10.59 2.31
CA ARG A 218 3.83 -11.05 0.94
C ARG A 218 3.10 -9.86 0.32
N CYS A 219 3.66 -9.40 -0.79
CA CYS A 219 3.17 -8.26 -1.55
C CYS A 219 2.69 -8.72 -2.95
N ILE A 220 1.39 -8.58 -3.22
CA ILE A 220 0.77 -8.94 -4.51
C ILE A 220 0.38 -7.64 -5.23
N LEU A 221 1.02 -7.38 -6.35
CA LEU A 221 0.76 -6.17 -7.13
C LEU A 221 0.04 -6.44 -8.46
N PHE A 222 -0.80 -5.50 -8.87
CA PHE A 222 -1.49 -5.62 -10.16
C PHE A 222 -1.24 -4.32 -10.93
N PRO A 223 -0.93 -4.44 -12.23
CA PRO A 223 -0.67 -3.26 -13.05
C PRO A 223 -1.92 -2.37 -13.15
N PRO A 224 -1.72 -1.08 -13.44
CA PRO A 224 -2.83 -0.14 -13.56
C PRO A 224 -3.84 -0.58 -14.61
N ASP A 225 -3.36 -1.30 -15.63
CA ASP A 225 -4.21 -1.75 -16.72
C ASP A 225 -5.17 -2.87 -16.35
N GLN A 226 -5.20 -3.23 -15.07
CA GLN A 226 -6.09 -4.28 -14.60
C GLN A 226 -7.23 -3.66 -13.77
N PHE A 227 -7.42 -2.36 -13.96
CA PHE A 227 -8.48 -1.61 -13.31
C PHE A 227 -9.85 -2.31 -13.47
N GLU A 228 -10.14 -2.79 -14.68
CA GLU A 228 -11.44 -3.43 -14.94
C GLU A 228 -11.65 -4.79 -14.29
N CYS A 229 -10.59 -5.35 -13.71
CA CYS A 229 -10.70 -6.65 -13.03
C CYS A 229 -10.78 -6.49 -11.52
N LEU A 230 -10.40 -5.32 -11.00
CA LEU A 230 -10.37 -5.10 -9.55
C LEU A 230 -11.50 -4.27 -8.96
N TYR A 231 -12.33 -3.69 -9.83
CA TYR A 231 -13.50 -2.93 -9.38
C TYR A 231 -13.39 -2.02 -8.14
N PRO A 232 -12.70 -0.89 -8.26
CA PRO A 232 -12.58 0.01 -7.12
C PRO A 232 -13.94 0.63 -6.75
N TYR A 233 -14.10 0.97 -5.48
CA TYR A 233 -15.32 1.63 -5.03
C TYR A 233 -15.41 2.98 -5.75
N PRO A 234 -16.60 3.60 -5.76
CA PRO A 234 -16.78 4.92 -6.42
C PRO A 234 -15.81 5.90 -5.72
N VAL A 235 -15.30 6.87 -6.48
CA VAL A 235 -14.36 7.85 -5.93
C VAL A 235 -14.86 8.56 -4.65
N HIS A 236 -16.15 8.83 -4.55
CA HIS A 236 -16.68 9.53 -3.38
C HIS A 236 -16.93 8.63 -2.18
N HIS A 237 -16.78 7.33 -2.37
CA HIS A 237 -16.99 6.37 -1.28
C HIS A 237 -15.80 6.40 -0.33
N PRO A 238 -16.03 6.14 0.97
CA PRO A 238 -14.94 6.14 1.97
C PRO A 238 -13.77 5.23 1.61
N CYS A 239 -14.08 4.13 0.95
CA CYS A 239 -13.05 3.19 0.55
C CYS A 239 -12.50 3.42 -0.85
N ASP A 240 -12.59 4.66 -1.29
CA ASP A 240 -12.08 5.06 -2.60
C ASP A 240 -10.69 4.47 -2.82
N ARG A 241 -10.39 4.04 -4.05
CA ARG A 241 -9.10 3.47 -4.42
C ARG A 241 -8.90 2.02 -3.98
N GLN A 242 -9.87 1.47 -3.25
CA GLN A 242 -9.74 0.10 -2.82
C GLN A 242 -10.67 -0.79 -3.64
N SER A 243 -10.26 -2.03 -3.83
CA SER A 243 -11.04 -3.00 -4.60
C SER A 243 -12.25 -3.43 -3.79
N GLN A 244 -13.38 -3.61 -4.47
CA GLN A 244 -14.63 -4.06 -3.81
C GLN A 244 -14.67 -5.57 -3.73
N VAL A 245 -13.77 -6.23 -4.45
CA VAL A 245 -13.75 -7.67 -4.46
C VAL A 245 -13.16 -8.24 -3.17
N ASP A 246 -13.85 -9.22 -2.61
CA ASP A 246 -13.36 -9.89 -1.42
C ASP A 246 -12.41 -10.99 -1.93
N PHE A 247 -11.11 -10.76 -1.86
CA PHE A 247 -10.14 -11.76 -2.31
C PHE A 247 -10.36 -13.15 -1.69
N ASP A 248 -10.96 -13.22 -0.51
CA ASP A 248 -11.19 -14.50 0.13
C ASP A 248 -12.46 -15.21 -0.38
N ASN A 249 -13.43 -14.43 -0.86
CA ASN A 249 -14.68 -14.98 -1.40
C ASN A 249 -15.15 -14.06 -2.54
N PRO A 250 -14.50 -14.16 -3.71
CA PRO A 250 -14.83 -13.35 -4.88
C PRO A 250 -16.25 -13.52 -5.41
N ASP A 251 -16.95 -12.41 -5.57
CA ASP A 251 -18.30 -12.45 -6.10
C ASP A 251 -18.23 -12.30 -7.63
N TYR A 252 -18.11 -13.43 -8.33
CA TYR A 252 -17.99 -13.39 -9.79
C TYR A 252 -19.21 -12.92 -10.56
N GLU A 253 -20.33 -12.75 -9.86
CA GLU A 253 -21.55 -12.28 -10.49
C GLU A 253 -21.48 -10.76 -10.60
N ARG A 254 -20.96 -10.13 -9.54
CA ARG A 254 -20.81 -8.68 -9.50
C ARG A 254 -19.51 -8.26 -10.15
N PHE A 255 -18.46 -9.07 -9.98
CA PHE A 255 -17.14 -8.74 -10.50
C PHE A 255 -16.58 -9.78 -11.48
N PRO A 256 -17.30 -10.01 -12.59
CA PRO A 256 -16.87 -10.99 -13.60
C PRO A 256 -15.41 -10.99 -14.01
N ASN A 257 -14.86 -9.83 -14.33
CA ASN A 257 -13.46 -9.78 -14.77
C ASN A 257 -12.38 -10.08 -13.73
N PHE A 258 -12.76 -10.36 -12.49
CA PHE A 258 -11.76 -10.68 -11.49
C PHE A 258 -11.22 -12.08 -11.83
N GLN A 259 -11.99 -12.80 -12.64
CA GLN A 259 -11.62 -14.15 -13.07
C GLN A 259 -10.47 -14.07 -14.07
N ASN A 260 -10.20 -12.86 -14.53
CA ASN A 260 -9.13 -12.60 -15.47
C ASN A 260 -7.95 -11.87 -14.83
N VAL A 261 -8.01 -11.65 -13.52
CA VAL A 261 -6.90 -10.93 -12.89
C VAL A 261 -5.63 -11.76 -12.73
N VAL A 262 -4.49 -11.15 -13.04
CA VAL A 262 -3.18 -11.79 -12.92
C VAL A 262 -2.24 -10.88 -12.14
N GLY A 263 -1.62 -11.41 -11.09
CA GLY A 263 -0.71 -10.60 -10.29
C GLY A 263 0.79 -10.81 -10.36
N TYR A 264 1.50 -9.99 -9.60
CA TYR A 264 2.95 -10.03 -9.48
C TYR A 264 3.15 -10.10 -7.98
N GLU A 265 3.85 -11.11 -7.49
CA GLU A 265 4.05 -11.15 -6.05
C GLU A 265 5.50 -11.38 -5.62
N THR A 266 5.70 -11.32 -4.31
CA THR A 266 7.02 -11.50 -3.73
C THR A 266 6.88 -11.39 -2.22
N VAL A 267 7.88 -11.88 -1.50
CA VAL A 267 7.84 -11.78 -0.05
C VAL A 267 9.04 -10.96 0.38
N VAL A 268 8.78 -9.85 1.07
CA VAL A 268 9.90 -9.01 1.53
C VAL A 268 10.25 -9.27 2.97
N GLY A 269 11.55 -9.21 3.26
CA GLY A 269 12.04 -9.40 4.60
C GLY A 269 12.99 -8.28 5.02
N PRO A 270 13.48 -8.33 6.27
CA PRO A 270 14.41 -7.29 6.77
C PRO A 270 15.48 -6.91 5.75
N GLY A 271 15.52 -5.64 5.37
CA GLY A 271 16.52 -5.19 4.42
C GLY A 271 16.03 -4.97 3.00
N ASP A 272 14.91 -5.59 2.66
CA ASP A 272 14.38 -5.43 1.31
C ASP A 272 13.57 -4.14 1.14
N VAL A 273 13.67 -3.57 -0.05
CA VAL A 273 12.94 -2.36 -0.39
C VAL A 273 12.16 -2.70 -1.66
N LEU A 274 10.84 -2.58 -1.58
CA LEU A 274 9.97 -2.85 -2.71
C LEU A 274 9.51 -1.55 -3.32
N TYR A 275 9.77 -1.40 -4.62
CA TYR A 275 9.31 -0.23 -5.32
C TYR A 275 7.87 -0.53 -5.79
N ILE A 276 6.91 0.18 -5.22
CA ILE A 276 5.51 0.06 -5.60
C ILE A 276 5.23 1.30 -6.45
N PRO A 277 5.22 1.13 -7.79
CA PRO A 277 4.97 2.27 -8.67
C PRO A 277 3.57 2.83 -8.41
N MET A 278 3.43 4.14 -8.59
CA MET A 278 2.18 4.88 -8.39
C MET A 278 1.07 4.30 -9.25
N TYR A 279 -0.12 4.20 -8.67
CA TYR A 279 -1.30 3.65 -9.34
C TYR A 279 -1.32 2.12 -9.43
N TRP A 280 -0.24 1.46 -9.02
CA TRP A 280 -0.24 0.00 -9.07
C TRP A 280 -0.99 -0.53 -7.88
N TRP A 281 -1.85 -1.52 -8.12
CA TRP A 281 -2.62 -2.11 -7.04
C TRP A 281 -1.65 -2.95 -6.21
N HIS A 282 -1.89 -3.03 -4.91
CA HIS A 282 -1.06 -3.88 -4.09
C HIS A 282 -1.87 -4.40 -2.94
N HIS A 283 -1.72 -5.70 -2.69
CA HIS A 283 -2.36 -6.43 -1.62
C HIS A 283 -1.15 -6.77 -0.75
N ILE A 284 -1.21 -6.45 0.53
CA ILE A 284 -0.07 -6.70 1.45
C ILE A 284 -0.48 -7.45 2.72
N GLU A 285 0.14 -8.61 2.93
CA GLU A 285 -0.15 -9.44 4.10
C GLU A 285 1.09 -9.87 4.89
N SER A 286 0.97 -9.84 6.21
CA SER A 286 2.06 -10.27 7.08
C SER A 286 1.90 -11.77 7.21
N LEU A 287 2.91 -12.54 6.79
CA LEU A 287 2.81 -14.00 6.83
C LEU A 287 2.19 -14.57 8.09
N LEU A 288 1.38 -15.60 7.91
CA LEU A 288 0.71 -16.28 9.02
C LEU A 288 1.76 -16.92 9.93
N ASN A 289 1.54 -16.85 11.23
CA ASN A 289 2.46 -17.44 12.20
C ASN A 289 3.92 -17.07 11.92
N GLY A 290 4.14 -15.79 11.61
CA GLY A 290 5.47 -15.31 11.32
C GLY A 290 5.89 -14.19 12.24
N GLY A 291 5.03 -13.91 13.24
CA GLY A 291 5.30 -12.88 14.21
C GLY A 291 4.92 -11.51 13.72
N ILE A 292 5.20 -10.47 14.51
CA ILE A 292 4.86 -9.12 14.09
C ILE A 292 5.74 -8.70 12.92
N THR A 293 5.33 -7.61 12.26
CA THR A 293 6.07 -7.07 11.12
C THR A 293 6.21 -5.56 11.28
N ILE A 294 7.29 -5.03 10.76
CA ILE A 294 7.54 -3.61 10.83
C ILE A 294 8.00 -3.18 9.46
N THR A 295 7.39 -2.12 8.96
CA THR A 295 7.75 -1.58 7.67
C THR A 295 7.75 -0.06 7.79
N VAL A 296 8.49 0.58 6.89
CA VAL A 296 8.52 2.03 6.83
C VAL A 296 8.50 2.33 5.34
N ASN A 297 7.50 3.08 4.87
CA ASN A 297 7.42 3.41 3.45
C ASN A 297 7.92 4.83 3.23
N PHE A 298 8.12 5.17 1.96
CA PHE A 298 8.59 6.49 1.55
C PHE A 298 7.68 6.93 0.41
N TRP A 299 6.70 7.77 0.73
CA TRP A 299 5.75 8.26 -0.27
C TRP A 299 6.19 9.58 -0.91
N TYR A 300 6.36 9.55 -2.24
CA TYR A 300 6.76 10.73 -3.01
C TYR A 300 5.70 11.15 -4.01
N LYS A 301 5.41 12.45 -4.10
CA LYS A 301 4.44 12.93 -5.08
C LYS A 301 5.01 12.56 -6.43
N GLY A 302 4.16 12.20 -7.37
CA GLY A 302 4.67 11.81 -8.66
C GLY A 302 5.23 12.96 -9.47
N ALA A 303 5.87 12.61 -10.58
CA ALA A 303 6.43 13.61 -11.48
C ALA A 303 5.27 14.41 -12.06
N PRO A 304 5.54 15.62 -12.56
CA PRO A 304 4.44 16.40 -13.12
C PRO A 304 4.04 15.82 -14.48
N THR A 305 2.84 16.15 -14.92
CA THR A 305 2.37 15.66 -16.21
C THR A 305 3.31 16.19 -17.32
N PRO A 306 3.78 15.30 -18.20
CA PRO A 306 4.68 15.66 -19.30
C PRO A 306 4.15 16.78 -20.20
N LYS A 307 5.06 17.61 -20.70
CA LYS A 307 4.69 18.74 -21.56
C LYS A 307 4.07 18.27 -22.87
N ARG A 308 4.28 17.00 -23.21
CA ARG A 308 3.72 16.45 -24.43
C ARG A 308 3.10 15.07 -24.22
N ILE A 309 1.79 14.99 -24.46
CA ILE A 309 1.04 13.75 -24.30
C ILE A 309 1.23 12.83 -25.50
N GLU A 310 1.39 11.55 -25.23
CA GLU A 310 1.58 10.56 -26.29
C GLU A 310 0.35 9.67 -26.37
N TYR A 311 -0.06 9.30 -27.59
CA TYR A 311 -1.25 8.49 -27.75
C TYR A 311 -1.01 7.09 -28.32
N PRO A 312 -1.81 6.10 -27.86
CA PRO A 312 -2.88 6.33 -26.87
C PRO A 312 -2.30 6.48 -25.47
N LEU A 313 -3.10 7.05 -24.58
CA LEU A 313 -2.69 7.25 -23.19
C LEU A 313 -2.33 5.94 -22.51
N LYS A 314 -1.61 6.05 -21.39
CA LYS A 314 -1.23 4.87 -20.62
C LYS A 314 -2.36 4.54 -19.65
N ALA A 315 -2.35 3.31 -19.13
CA ALA A 315 -3.39 2.90 -18.21
C ALA A 315 -3.58 3.84 -17.02
N HIS A 316 -2.48 4.20 -16.35
CA HIS A 316 -2.59 5.04 -15.17
C HIS A 316 -3.16 6.42 -15.48
N GLN A 317 -2.94 6.87 -16.70
CA GLN A 317 -3.48 8.17 -17.11
C GLN A 317 -5.01 8.09 -17.28
N LYS A 318 -5.49 6.99 -17.87
CA LYS A 318 -6.92 6.79 -18.05
C LYS A 318 -7.56 6.66 -16.68
N VAL A 319 -6.83 6.07 -15.74
CA VAL A 319 -7.36 5.93 -14.39
C VAL A 319 -7.49 7.33 -13.81
N ALA A 320 -6.53 8.19 -14.13
CA ALA A 320 -6.55 9.57 -13.64
C ALA A 320 -7.74 10.32 -14.24
N ILE A 321 -8.02 10.04 -15.50
CA ILE A 321 -9.14 10.67 -16.21
C ILE A 321 -10.47 10.22 -15.61
N MET A 322 -10.61 8.92 -15.38
CA MET A 322 -11.86 8.41 -14.82
C MET A 322 -12.09 9.03 -13.45
N ARG A 323 -11.07 9.08 -12.62
CA ARG A 323 -11.21 9.65 -11.30
C ARG A 323 -11.72 11.10 -11.40
N ASN A 324 -11.15 11.85 -12.33
CA ASN A 324 -11.55 13.24 -12.49
C ASN A 324 -12.99 13.39 -12.91
N ILE A 325 -13.41 12.58 -13.87
CA ILE A 325 -14.78 12.61 -14.35
C ILE A 325 -15.72 12.41 -13.17
N GLU A 326 -15.40 11.45 -12.29
CA GLU A 326 -16.25 11.18 -11.13
C GLU A 326 -16.29 12.36 -10.17
N LYS A 327 -15.16 13.04 -10.03
CA LYS A 327 -15.06 14.20 -9.14
C LYS A 327 -15.85 15.37 -9.73
N MET A 328 -15.65 15.66 -10.99
CA MET A 328 -16.37 16.74 -11.66
C MET A 328 -17.89 16.55 -11.58
N LEU A 329 -18.36 15.36 -11.94
CA LEU A 329 -19.79 15.07 -11.90
C LEU A 329 -20.35 15.23 -10.49
N GLY A 330 -19.61 14.76 -9.50
CA GLY A 330 -20.06 14.83 -8.12
C GLY A 330 -20.23 16.25 -7.64
N GLU A 331 -19.31 17.12 -8.04
CA GLU A 331 -19.35 18.50 -7.66
C GLU A 331 -20.39 19.25 -8.49
N ALA A 332 -20.44 18.93 -9.78
CA ALA A 332 -21.39 19.56 -10.68
C ALA A 332 -22.84 19.23 -10.33
N LEU A 333 -23.11 17.95 -10.06
CA LEU A 333 -24.46 17.52 -9.69
C LEU A 333 -24.85 17.95 -8.28
N GLY A 334 -23.90 18.52 -7.55
CA GLY A 334 -24.15 18.97 -6.20
C GLY A 334 -24.39 17.85 -5.19
N ASN A 335 -24.34 16.61 -5.64
CA ASN A 335 -24.56 15.47 -4.76
C ASN A 335 -23.89 14.23 -5.33
N PRO A 336 -22.93 13.64 -4.60
CA PRO A 336 -22.20 12.44 -5.05
C PRO A 336 -23.08 11.24 -5.39
N GLN A 337 -24.22 11.11 -4.73
CA GLN A 337 -25.10 9.99 -5.00
C GLN A 337 -25.81 10.08 -6.35
N GLU A 338 -25.65 11.20 -7.05
CA GLU A 338 -26.28 11.36 -8.35
C GLU A 338 -25.33 10.97 -9.48
N VAL A 339 -24.08 10.73 -9.13
CA VAL A 339 -23.06 10.36 -10.11
C VAL A 339 -23.42 9.07 -10.83
N GLY A 340 -23.69 8.02 -10.07
CA GLY A 340 -24.04 6.74 -10.67
C GLY A 340 -25.19 6.78 -11.65
N PRO A 341 -26.35 7.33 -11.24
CA PRO A 341 -27.50 7.40 -12.14
C PRO A 341 -27.21 8.17 -13.45
N LEU A 342 -26.53 9.31 -13.35
CA LEU A 342 -26.23 10.06 -14.56
C LEU A 342 -25.33 9.22 -15.47
N LEU A 343 -24.35 8.56 -14.86
CA LEU A 343 -23.40 7.75 -15.61
C LEU A 343 -24.11 6.63 -16.35
N ASN A 344 -25.03 5.95 -15.67
CA ASN A 344 -25.78 4.85 -16.29
C ASN A 344 -26.67 5.34 -17.41
N THR A 345 -27.35 6.46 -17.18
CA THR A 345 -28.21 7.08 -18.18
C THR A 345 -27.38 7.43 -19.41
N MET A 346 -26.13 7.82 -19.18
CA MET A 346 -25.25 8.19 -20.29
C MET A 346 -24.83 7.00 -21.18
N ILE A 347 -24.62 5.82 -20.59
CA ILE A 347 -24.17 4.69 -21.38
C ILE A 347 -25.23 3.68 -21.81
N LYS A 348 -26.26 3.48 -20.99
CA LYS A 348 -27.31 2.51 -21.31
C LYS A 348 -27.93 2.69 -22.69
N GLY A 349 -27.80 1.67 -23.51
CA GLY A 349 -28.36 1.77 -24.84
C GLY A 349 -27.65 2.77 -25.73
N ARG A 350 -26.51 3.27 -25.26
CA ARG A 350 -25.76 4.23 -26.05
C ARG A 350 -24.30 3.84 -26.25
N TYR A 351 -23.66 3.34 -25.21
CA TYR A 351 -22.26 2.95 -25.29
C TYR A 351 -21.96 1.51 -24.90
N ASN A 352 -22.95 0.79 -24.37
CA ASN A 352 -22.72 -0.59 -23.96
C ASN A 352 -23.34 -1.60 -24.92
N SER B 3 -5.38 21.72 -22.94
CA SER B 3 -5.73 22.15 -21.56
C SER B 3 -6.76 21.21 -20.94
N VAL B 4 -7.70 20.74 -21.75
CA VAL B 4 -8.72 19.82 -21.28
C VAL B 4 -8.08 18.50 -20.86
N VAL B 5 -7.16 18.02 -21.70
CA VAL B 5 -6.44 16.77 -21.41
C VAL B 5 -5.63 17.03 -20.13
N GLU B 6 -4.92 18.15 -20.12
CA GLU B 6 -4.11 18.53 -18.98
C GLU B 6 -4.99 18.63 -17.75
N TYR B 7 -6.23 19.06 -17.95
CA TYR B 7 -7.16 19.19 -16.85
C TYR B 7 -7.54 17.81 -16.32
N LEU B 8 -7.86 16.91 -17.25
CA LEU B 8 -8.27 15.55 -16.94
C LEU B 8 -7.11 14.63 -16.53
N LEU B 9 -5.87 15.07 -16.78
CA LEU B 9 -4.70 14.27 -16.41
C LEU B 9 -4.17 14.61 -15.02
N GLN B 10 -4.53 15.79 -14.52
CA GLN B 10 -4.09 16.17 -13.19
C GLN B 10 -4.60 15.12 -12.22
N HIS B 11 -3.88 14.93 -11.11
CA HIS B 11 -4.26 13.94 -10.12
C HIS B 11 -3.89 14.36 -8.71
N GLY B 12 -4.61 13.81 -7.74
CA GLY B 12 -4.34 14.12 -6.35
C GLY B 12 -3.14 13.33 -5.89
N ALA B 13 -2.98 13.23 -4.57
CA ALA B 13 -1.87 12.50 -3.98
C ALA B 13 -2.37 11.68 -2.79
N ASP B 14 -3.56 11.11 -2.93
CA ASP B 14 -4.15 10.31 -1.87
C ASP B 14 -3.43 8.99 -1.61
N VAL B 15 -3.24 8.70 -0.32
CA VAL B 15 -2.58 7.50 0.13
C VAL B 15 -3.36 7.01 1.35
N HIS B 16 -2.82 6.00 2.02
CA HIS B 16 -3.47 5.42 3.18
C HIS B 16 -3.20 6.15 4.51
FE FE2 C . -0.72 1.49 -0.17
C1 AKG D . 1.54 1.48 1.20
O1 AKG D . 2.70 1.66 1.64
O2 AKG D . 1.04 2.13 0.27
C2 AKG D . 0.68 0.40 1.86
O5 AKG D . -0.49 0.25 1.50
C3 AKG D . 1.29 -0.49 2.95
C4 AKG D . 0.20 -1.31 3.64
C5 AKG D . 0.82 -2.41 4.51
O3 AKG D . 2.07 -2.48 4.54
O4 AKG D . 0.03 -3.18 5.10
S SO4 E . -11.02 -10.81 21.85
O1 SO4 E . -9.75 -10.16 21.43
O2 SO4 E . -11.50 -11.74 20.80
O3 SO4 E . -10.78 -11.57 23.10
O4 SO4 E . -12.04 -9.76 22.08
S SO4 F . 0.56 0.93 -20.00
O1 SO4 F . -0.35 -0.01 -19.33
O2 SO4 F . 1.37 1.68 -19.01
O3 SO4 F . 1.47 0.19 -20.90
O4 SO4 F . -0.23 1.89 -20.79
S SO4 G . -2.26 -16.26 11.94
O1 SO4 G . -2.47 -17.42 11.05
O2 SO4 G . -2.96 -16.49 13.24
O3 SO4 G . -0.79 -16.14 12.15
O4 SO4 G . -2.81 -15.02 11.36
C1 GOL H . -12.49 -6.73 1.43
O1 GOL H . -12.31 -8.14 1.36
C2 GOL H . -13.33 -6.22 0.26
O2 GOL H . -14.63 -6.86 0.26
C3 GOL H . -13.51 -4.71 0.37
O3 GOL H . -14.29 -4.22 -0.73
C1 GOL I . -5.71 0.31 -20.09
O1 GOL I . -5.30 0.79 -21.38
C2 GOL I . -6.92 1.10 -19.59
O2 GOL I . -8.01 0.94 -20.51
C3 GOL I . -7.35 0.59 -18.20
O3 GOL I . -8.48 1.33 -17.73
#